data_1CFN
#
_entry.id   1CFN
#
_cell.length_a   105.440
_cell.length_b   105.440
_cell.length_c   295.790
_cell.angle_alpha   90.00
_cell.angle_beta   90.00
_cell.angle_gamma   120.00
#
_symmetry.space_group_name_H-M   'P 61 2 2'
#
loop_
_entity.id
_entity.type
_entity.pdbx_description
1 polymer 'PROTEIN (IGG2A KAPPA ANTIBODY CB41 (LIGHT CHAIN))'
2 polymer 'PROTEIN (IGG2A-KAPPA ANTIBODY CB41 (HEAVY CHAIN))'
3 polymer 'PROTEIN (BOUND PEPTIDE)'
4 water water
#
loop_
_entity_poly.entity_id
_entity_poly.type
_entity_poly.pdbx_seq_one_letter_code
_entity_poly.pdbx_strand_id
1 'polypeptide(L)'
;DIKMTQSPSSMYTSLGERVTITCKASQDINSFLTWFLQKPGKSPKTLIYRANRLMIGVPSRFSGSGSGQTYSLTISSLEY
EDMGIYYCLQYDDFPLTFGAGTKLDLKRADAAPTVSIFPPSSEQLTSGGASVVCFLNNFYPKEINVKWKIDGSERQNGVL
DSWTEQDSKDSTYSMSSTLTLTKDEYERHNSYTCEATHKTSTSPIVKSFNRNEC
;
A
2 'polypeptide(L)'
;QDQLQQSGAELVRPGASVKLSCKALGYIFTDYEIHWVKQTPVHGLEWIGGIHPGSSGTAYNQKFKGKATLTADKSSTTAF
MELSSLTSEDSAVYYCTRKDYWGQGTLVTVSAAKTTAPSVYPLVPVCGGTTGSSVTLGCLVKGYFPEPVTLTWNSGSLSS
GVHTFPALLQSGLYTLSSSVTVTSNTWPSQTITCNVAHPASSTKVDKKIEPRV
;
B
3 'polypeptide(L)' GATPQDLNT(NLE) C
#
# COMPACT_ATOMS: atom_id res chain seq x y z
N ASP A 1 26.29 3.57 -11.16
CA ASP A 1 24.81 3.38 -11.07
C ASP A 1 24.15 4.16 -12.19
N ILE A 2 23.52 3.44 -13.12
CA ILE A 2 22.79 4.09 -14.22
C ILE A 2 21.55 4.70 -13.58
N LYS A 3 21.14 5.91 -13.88
CA LYS A 3 19.94 6.46 -13.25
C LYS A 3 18.80 6.50 -14.27
N MET A 4 17.61 6.05 -13.88
CA MET A 4 16.45 6.09 -14.76
C MET A 4 15.49 7.18 -14.32
N THR A 5 15.11 8.06 -15.22
CA THR A 5 14.19 9.13 -14.93
C THR A 5 12.88 8.92 -15.70
N GLN A 6 11.93 8.36 -14.96
CA GLN A 6 10.60 8.08 -15.45
C GLN A 6 9.69 9.29 -15.36
N SER A 7 8.91 9.55 -16.39
CA SER A 7 7.95 10.66 -16.29
C SER A 7 6.76 10.36 -17.18
N PRO A 8 5.61 10.94 -16.90
CA PRO A 8 5.44 11.80 -15.74
C PRO A 8 5.38 10.89 -14.52
N SER A 9 4.98 11.39 -13.36
CA SER A 9 5.04 10.56 -12.15
C SER A 9 3.66 10.16 -11.69
N SER A 10 2.66 10.90 -12.16
CA SER A 10 1.28 10.46 -11.92
C SER A 10 0.41 11.07 -13.02
N MET A 11 -0.51 10.31 -13.59
CA MET A 11 -1.37 10.92 -14.61
C MET A 11 -2.86 10.69 -14.43
N TYR A 12 -3.61 11.73 -14.76
CA TYR A 12 -5.07 11.74 -14.63
C TYR A 12 -5.62 11.54 -16.05
N THR A 13 -6.12 10.33 -16.27
CA THR A 13 -6.48 9.93 -17.64
C THR A 13 -7.92 9.46 -17.74
N SER A 14 -8.37 9.24 -18.97
CA SER A 14 -9.73 8.75 -19.20
C SER A 14 -9.75 7.37 -19.81
N LEU A 15 -10.83 6.61 -19.54
CA LEU A 15 -10.92 5.32 -20.24
C LEU A 15 -11.04 5.63 -21.73
N GLY A 16 -10.27 4.85 -22.49
CA GLY A 16 -10.26 4.96 -23.93
C GLY A 16 -9.23 5.90 -24.46
N GLU A 17 -8.53 6.66 -23.65
CA GLU A 17 -7.48 7.57 -24.05
C GLU A 17 -6.18 6.86 -24.38
N ARG A 18 -5.32 7.52 -25.10
CA ARG A 18 -4.02 7.00 -25.49
C ARG A 18 -2.95 7.60 -24.59
N VAL A 19 -2.24 6.74 -23.87
CA VAL A 19 -1.25 7.17 -22.90
C VAL A 19 0.19 6.93 -23.31
N THR A 20 1.09 7.86 -22.95
CA THR A 20 2.51 7.68 -23.26
C THR A 20 3.39 7.98 -22.05
N ILE A 21 4.12 7.00 -21.59
CA ILE A 21 5.00 7.07 -20.44
C ILE A 21 6.45 7.01 -20.91
N THR A 22 7.38 7.79 -20.37
CA THR A 22 8.78 7.77 -20.79
C THR A 22 9.85 7.44 -19.79
N CYS A 23 10.97 6.89 -20.23
CA CYS A 23 12.13 6.61 -19.40
C CYS A 23 13.40 7.12 -20.10
N LYS A 24 14.16 7.96 -19.41
CA LYS A 24 15.46 8.40 -19.92
C LYS A 24 16.53 7.72 -19.08
N ALA A 25 17.57 7.18 -19.68
CA ALA A 25 18.65 6.57 -18.90
C ALA A 25 19.80 7.59 -18.89
N SER A 26 20.57 7.65 -17.80
CA SER A 26 21.71 8.56 -17.69
C SER A 26 22.84 8.22 -18.65
N GLN A 27 22.95 7.02 -19.17
CA GLN A 27 23.82 6.69 -20.29
C GLN A 27 22.99 5.80 -21.24
N ASP A 28 23.62 5.30 -22.27
CA ASP A 28 23.02 4.46 -23.31
C ASP A 28 22.80 3.05 -22.81
N ILE A 29 21.60 2.48 -22.89
CA ILE A 29 21.46 1.12 -22.36
C ILE A 29 21.14 0.06 -23.38
N ASN A 30 21.41 0.31 -24.68
CA ASN A 30 21.36 -0.74 -25.70
C ASN A 30 20.09 -1.54 -25.81
N SER A 31 18.94 -0.92 -25.61
CA SER A 31 17.62 -1.52 -25.58
C SER A 31 17.46 -2.54 -24.48
N PHE A 32 18.34 -2.69 -23.48
CA PHE A 32 18.04 -3.64 -22.41
C PHE A 32 17.15 -2.99 -21.35
N LEU A 33 15.86 -2.94 -21.65
CA LEU A 33 14.85 -2.34 -20.82
C LEU A 33 13.52 -3.10 -20.82
N THR A 34 12.89 -3.25 -19.66
CA THR A 34 11.60 -3.91 -19.50
C THR A 34 10.57 -2.87 -19.02
N TRP A 35 9.30 -3.16 -19.18
CA TRP A 35 8.22 -2.27 -18.78
C TRP A 35 7.28 -3.23 -18.03
N PHE A 36 6.85 -2.90 -16.85
CA PHE A 36 6.05 -3.82 -16.05
C PHE A 36 5.04 -2.94 -15.34
N LEU A 37 3.99 -3.61 -14.93
CA LEU A 37 2.86 -2.97 -14.29
C LEU A 37 2.58 -3.65 -12.97
N GLN A 38 2.34 -2.87 -11.92
CA GLN A 38 1.98 -3.50 -10.65
C GLN A 38 0.67 -2.97 -10.07
N LYS A 39 -0.30 -3.80 -9.82
CA LYS A 39 -1.59 -3.46 -9.24
C LYS A 39 -1.51 -3.59 -7.73
N PRO A 40 -2.38 -2.86 -7.05
CA PRO A 40 -2.35 -2.79 -5.59
C PRO A 40 -2.47 -4.16 -4.99
N GLY A 41 -1.52 -4.48 -4.12
CA GLY A 41 -1.46 -5.81 -3.50
C GLY A 41 -1.38 -6.86 -4.62
N LYS A 42 -0.26 -6.84 -5.35
CA LYS A 42 -0.12 -7.75 -6.49
C LYS A 42 1.32 -7.74 -6.98
N SER A 43 1.79 -8.87 -7.47
CA SER A 43 3.16 -8.95 -7.97
C SER A 43 3.27 -8.35 -9.36
N PRO A 44 4.43 -7.82 -9.67
CA PRO A 44 4.65 -7.20 -10.95
C PRO A 44 4.34 -8.10 -12.14
N LYS A 45 3.77 -7.52 -13.20
CA LYS A 45 3.60 -8.27 -14.44
C LYS A 45 4.40 -7.64 -15.55
N THR A 46 5.43 -8.23 -16.13
CA THR A 46 6.16 -7.57 -17.21
C THR A 46 5.32 -7.52 -18.51
N LEU A 47 5.34 -6.39 -19.18
CA LEU A 47 4.53 -6.20 -20.37
C LEU A 47 5.40 -6.41 -21.61
N ILE A 48 6.58 -5.78 -21.58
CA ILE A 48 7.51 -5.69 -22.69
C ILE A 48 8.95 -5.89 -22.23
N TYR A 49 9.81 -6.47 -23.06
CA TYR A 49 11.20 -6.70 -22.72
C TYR A 49 12.08 -6.39 -23.93
N ARG A 50 13.37 -6.21 -23.64
CA ARG A 50 14.29 -5.71 -24.68
C ARG A 50 13.64 -4.54 -25.41
N ALA A 51 13.18 -3.50 -24.70
CA ALA A 51 12.62 -2.28 -25.22
C ALA A 51 11.31 -2.34 -25.98
N ASN A 52 11.11 -3.28 -26.91
CA ASN A 52 9.89 -3.37 -27.70
C ASN A 52 9.37 -4.77 -28.02
N ARG A 53 9.69 -5.83 -27.32
CA ARG A 53 9.10 -7.13 -27.50
C ARG A 53 7.86 -7.32 -26.63
N LEU A 54 6.65 -7.53 -27.15
CA LEU A 54 5.49 -7.81 -26.30
C LEU A 54 5.73 -9.13 -25.59
N MET A 55 5.11 -9.34 -24.47
CA MET A 55 5.29 -10.56 -23.65
C MET A 55 4.12 -11.47 -23.95
N ILE A 56 4.24 -12.78 -23.95
CA ILE A 56 3.14 -13.61 -24.40
C ILE A 56 1.91 -13.27 -23.60
N GLY A 57 0.75 -13.03 -24.22
CA GLY A 57 -0.44 -12.75 -23.43
C GLY A 57 -0.71 -11.29 -23.18
N VAL A 58 0.14 -10.35 -23.56
CA VAL A 58 -0.18 -8.95 -23.24
C VAL A 58 -0.94 -8.37 -24.41
N PRO A 59 -2.01 -7.66 -24.19
CA PRO A 59 -2.76 -7.04 -25.28
C PRO A 59 -1.82 -6.29 -26.21
N SER A 60 -2.21 -6.15 -27.47
CA SER A 60 -1.40 -5.43 -28.45
C SER A 60 -1.61 -3.92 -28.38
N ARG A 61 -2.32 -3.43 -27.37
CA ARG A 61 -2.45 -1.98 -27.20
C ARG A 61 -1.06 -1.37 -27.27
N PHE A 62 -0.43 -2.40 -25.88
CA PHE A 62 0.85 -1.99 -25.31
C PHE A 62 1.87 -2.05 -26.43
N SER A 63 2.84 -1.16 -26.42
CA SER A 63 3.88 -1.07 -27.43
C SER A 63 5.04 -0.24 -26.90
N GLY A 64 6.24 -0.75 -26.99
CA GLY A 64 7.44 -0.12 -26.48
C GLY A 64 8.26 0.48 -27.59
N SER A 65 9.11 1.45 -27.29
CA SER A 65 9.94 2.02 -28.33
C SER A 65 11.08 2.82 -27.74
N GLY A 66 12.07 3.05 -28.58
CA GLY A 66 13.24 3.82 -28.23
C GLY A 66 14.49 3.01 -28.55
N SER A 67 15.59 3.69 -28.28
CA SER A 67 16.94 3.20 -28.47
C SER A 67 17.81 4.26 -27.78
N GLY A 68 19.04 3.91 -27.44
CA GLY A 68 19.89 4.89 -26.79
C GLY A 68 19.51 5.15 -25.35
N GLN A 69 18.97 6.33 -25.12
CA GLN A 69 18.67 6.83 -23.80
C GLN A 69 17.19 7.12 -23.57
N THR A 70 16.38 7.32 -24.60
CA THR A 70 14.99 7.63 -24.34
C THR A 70 14.03 6.53 -24.75
N TYR A 71 13.32 5.94 -23.78
CA TYR A 71 12.43 4.83 -24.08
C TYR A 71 10.99 5.25 -23.85
N SER A 72 10.07 4.58 -24.53
CA SER A 72 8.65 4.85 -24.40
C SER A 72 7.77 3.61 -24.39
N LEU A 73 6.65 3.81 -23.74
CA LEU A 73 5.60 2.80 -23.63
C LEU A 73 4.31 3.53 -24.00
N THR A 74 3.56 2.99 -24.95
CA THR A 74 2.34 3.70 -25.37
C THR A 74 1.19 2.76 -25.09
N ILE A 75 0.10 3.23 -24.56
CA ILE A 75 -1.07 2.35 -24.32
C ILE A 75 -2.15 2.98 -25.20
N SER A 76 -2.48 2.35 -26.32
CA SER A 76 -3.29 3.03 -27.33
C SER A 76 -4.70 3.33 -26.87
N SER A 77 -5.33 2.48 -26.06
CA SER A 77 -6.67 2.89 -25.64
C SER A 77 -6.92 2.34 -24.25
N LEU A 78 -6.92 3.26 -23.29
CA LEU A 78 -6.87 2.82 -21.88
C LEU A 78 -8.08 1.99 -21.50
N GLU A 79 -7.84 0.88 -20.86
CA GLU A 79 -8.88 0.06 -20.28
C GLU A 79 -8.59 -0.16 -18.79
N TYR A 80 -9.93 -0.26 -18.12
CA TYR A 80 -10.01 -0.16 -16.68
C TYR A 80 -8.97 -1.05 -16.01
N GLU A 81 -8.66 -2.16 -16.59
CA GLU A 81 -7.73 -3.18 -16.15
C GLU A 81 -6.28 -2.77 -16.20
N ASP A 82 -5.98 -1.66 -16.84
CA ASP A 82 -4.68 -1.09 -17.07
C ASP A 82 -4.20 -0.18 -15.95
N MET A 83 -5.09 0.15 -15.03
CA MET A 83 -4.89 1.05 -13.92
C MET A 83 -3.95 0.45 -12.88
N GLY A 84 -2.92 1.21 -12.53
CA GLY A 84 -1.93 0.68 -11.59
C GLY A 84 -0.68 1.53 -11.68
N ILE A 85 0.46 0.95 -11.23
CA ILE A 85 1.69 1.72 -11.38
C ILE A 85 2.60 1.08 -12.40
N TYR A 86 3.12 1.88 -13.29
CA TYR A 86 4.02 1.40 -14.33
C TYR A 86 5.47 1.76 -14.06
N TYR A 87 6.40 0.86 -14.28
CA TYR A 87 7.80 1.03 -14.09
C TYR A 87 8.63 0.55 -15.30
N CYS A 88 9.78 1.20 -15.49
CA CYS A 88 10.75 0.71 -16.45
C CYS A 88 11.94 0.13 -15.69
N LEU A 89 12.70 -0.79 -16.27
CA LEU A 89 13.82 -1.42 -15.57
C LEU A 89 15.00 -1.50 -16.53
N GLN A 90 16.15 -0.91 -16.22
CA GLN A 90 17.32 -1.04 -17.11
C GLN A 90 18.13 -2.26 -16.67
N TYR A 91 18.59 -3.13 -17.56
CA TYR A 91 19.31 -4.33 -17.21
C TYR A 91 20.52 -4.46 -18.14
N ASP A 92 20.95 -3.31 -18.62
CA ASP A 92 22.18 -3.13 -19.36
C ASP A 92 23.39 -3.45 -18.48
N ASP A 93 23.46 -2.94 -17.27
CA ASP A 93 24.62 -3.21 -16.43
C ASP A 93 24.23 -3.31 -14.98
N PHE A 94 25.10 -3.80 -14.14
CA PHE A 94 24.80 -3.86 -12.70
C PHE A 94 25.30 -2.57 -12.05
N PRO A 95 24.66 -2.13 -10.97
CA PRO A 95 23.46 -2.75 -10.46
C PRO A 95 22.21 -2.50 -11.31
N LEU A 96 21.24 -3.43 -11.32
CA LEU A 96 19.97 -3.12 -11.99
C LEU A 96 19.32 -1.92 -11.35
N THR A 97 18.75 -0.98 -12.09
CA THR A 97 18.03 0.15 -11.51
C THR A 97 16.67 0.33 -12.18
N PHE A 98 15.72 0.88 -11.43
CA PHE A 98 14.37 1.12 -11.84
C PHE A 98 13.96 2.58 -11.90
N GLY A 99 13.01 2.94 -12.74
CA GLY A 99 12.44 4.29 -12.70
C GLY A 99 11.63 4.36 -11.39
N ALA A 100 11.10 5.55 -11.09
CA ALA A 100 10.42 5.70 -9.80
C ALA A 100 8.96 5.29 -9.92
N GLY A 101 8.41 5.16 -11.14
CA GLY A 101 7.05 4.66 -11.22
C GLY A 101 6.14 5.70 -11.80
N THR A 102 5.03 5.26 -12.40
CA THR A 102 4.10 6.23 -12.98
C THR A 102 2.70 5.76 -12.59
N LYS A 103 2.00 6.59 -11.82
CA LYS A 103 0.70 6.16 -11.29
C LYS A 103 -0.43 6.72 -12.12
N LEU A 104 -1.33 5.84 -12.56
CA LEU A 104 -2.42 6.28 -13.43
C LEU A 104 -3.71 6.48 -12.67
N ASP A 105 -4.41 7.60 -12.81
CA ASP A 105 -5.69 7.71 -12.10
C ASP A 105 -6.77 8.13 -13.09
N LEU A 106 -7.96 7.57 -12.89
CA LEU A 106 -9.09 8.04 -13.71
C LEU A 106 -9.44 9.46 -13.26
N LYS A 107 -9.40 10.43 -14.13
CA LYS A 107 -9.80 11.80 -13.79
C LYS A 107 -11.30 11.90 -13.59
N ARG A 108 -11.78 12.93 -12.91
CA ARG A 108 -13.19 13.16 -12.67
C ARG A 108 -13.42 14.60 -12.27
N ALA A 109 -14.66 15.01 -12.12
CA ALA A 109 -14.90 16.38 -11.66
C ALA A 109 -14.46 16.42 -10.18
N ASP A 110 -13.97 17.60 -9.81
CA ASP A 110 -13.42 17.84 -8.49
C ASP A 110 -14.47 17.76 -7.40
N ALA A 111 -14.21 16.97 -6.37
CA ALA A 111 -15.16 16.88 -5.27
C ALA A 111 -14.51 17.22 -3.91
N ALA A 112 -15.24 18.00 -3.11
CA ALA A 112 -14.71 18.34 -1.77
C ALA A 112 -15.05 17.18 -0.85
N PRO A 113 -14.23 16.98 0.16
CA PRO A 113 -14.40 15.92 1.11
C PRO A 113 -15.55 16.29 2.02
N THR A 114 -16.17 15.25 2.54
CA THR A 114 -17.26 15.39 3.47
C THR A 114 -16.70 14.85 4.79
N VAL A 115 -16.59 15.85 5.72
CA VAL A 115 -15.84 15.62 6.96
C VAL A 115 -16.59 15.28 8.21
N SER A 116 -16.17 14.31 9.00
CA SER A 116 -16.77 13.90 10.22
C SER A 116 -15.74 13.68 11.35
N ILE A 117 -16.06 14.25 12.51
CA ILE A 117 -15.27 14.15 13.72
C ILE A 117 -15.95 13.35 14.82
N PHE A 118 -15.18 12.51 15.50
CA PHE A 118 -15.70 11.59 16.46
C PHE A 118 -14.88 11.66 17.73
N PRO A 119 -15.50 12.12 18.81
CA PRO A 119 -14.91 12.17 20.13
C PRO A 119 -14.57 10.76 20.57
N PRO A 120 -13.75 10.60 21.59
CA PRO A 120 -13.40 9.28 22.07
C PRO A 120 -14.66 8.52 22.49
N SER A 121 -14.58 7.21 22.53
CA SER A 121 -15.70 6.40 22.99
C SER A 121 -15.56 6.28 24.51
N SER A 122 -16.64 6.02 25.22
CA SER A 122 -16.59 5.83 26.66
C SER A 122 -15.68 4.66 27.00
N GLU A 123 -15.85 3.59 26.25
CA GLU A 123 -15.05 2.39 26.47
C GLU A 123 -13.58 2.69 26.31
N GLN A 124 -13.14 3.56 25.40
CA GLN A 124 -11.70 3.82 25.27
C GLN A 124 -11.24 4.61 26.49
N LEU A 125 -12.07 5.61 26.80
CA LEU A 125 -11.85 6.48 27.95
C LEU A 125 -11.80 5.71 29.26
N THR A 126 -12.59 4.65 29.41
CA THR A 126 -12.38 3.81 30.59
C THR A 126 -11.13 2.96 30.53
N SER A 127 -10.12 3.14 29.72
CA SER A 127 -8.93 2.32 29.74
C SER A 127 -7.67 3.19 29.60
N GLY A 128 -7.82 4.49 29.83
CA GLY A 128 -6.70 5.39 29.82
C GLY A 128 -6.40 6.10 28.53
N GLY A 129 -7.02 5.63 27.44
CA GLY A 129 -6.64 6.15 26.12
C GLY A 129 -7.70 7.11 25.64
N ALA A 130 -7.38 7.94 24.69
CA ALA A 130 -8.36 8.83 24.07
C ALA A 130 -7.99 8.99 22.60
N SER A 131 -8.82 8.50 21.68
CA SER A 131 -8.43 8.66 20.25
C SER A 131 -9.44 9.58 19.59
N VAL A 132 -9.06 10.61 18.88
CA VAL A 132 -10.06 11.49 18.27
C VAL A 132 -10.01 11.14 16.77
N VAL A 133 -11.13 10.77 16.15
CA VAL A 133 -11.04 10.33 14.77
C VAL A 133 -11.74 11.31 13.86
N CYS A 134 -11.12 11.49 12.70
CA CYS A 134 -11.65 12.33 11.65
C CYS A 134 -11.68 11.61 10.28
N PHE A 135 -12.88 11.55 9.69
CA PHE A 135 -12.95 10.92 8.36
C PHE A 135 -13.13 12.02 7.35
N LEU A 136 -12.24 12.06 6.36
CA LEU A 136 -12.42 13.00 5.24
C LEU A 136 -12.81 12.05 4.11
N ASN A 137 -14.11 11.90 3.81
CA ASN A 137 -14.33 10.92 2.72
C ASN A 137 -15.13 11.33 1.52
N ASN A 138 -14.80 10.65 0.40
CA ASN A 138 -15.27 10.84 -0.95
C ASN A 138 -14.72 12.07 -1.63
N PHE A 139 -13.43 12.28 -1.83
CA PHE A 139 -13.05 13.58 -2.46
C PHE A 139 -12.18 13.33 -3.68
N TYR A 140 -11.92 14.37 -4.45
CA TYR A 140 -11.07 14.30 -5.65
C TYR A 140 -10.57 15.68 -5.99
N PRO A 141 -9.30 15.87 -6.27
CA PRO A 141 -8.30 14.83 -6.30
C PRO A 141 -7.72 14.37 -4.97
N LYS A 142 -6.72 13.50 -5.02
CA LYS A 142 -6.13 12.85 -3.87
C LYS A 142 -5.36 13.75 -2.91
N GLU A 143 -4.81 14.86 -3.38
CA GLU A 143 -4.16 15.83 -2.55
C GLU A 143 -5.03 16.47 -1.45
N ILE A 144 -4.59 16.17 -0.22
CA ILE A 144 -5.25 16.74 0.94
C ILE A 144 -4.29 16.89 2.12
N ASN A 145 -4.44 18.05 2.77
CA ASN A 145 -3.69 18.39 3.96
C ASN A 145 -4.59 18.45 5.19
N VAL A 146 -4.18 17.75 6.24
CA VAL A 146 -4.96 17.73 7.49
C VAL A 146 -4.15 18.24 8.68
N LYS A 147 -4.70 19.19 9.42
CA LYS A 147 -4.03 19.71 10.60
C LYS A 147 -4.94 19.50 11.82
N TRP A 148 -4.34 19.06 12.92
CA TRP A 148 -5.12 18.90 14.15
C TRP A 148 -4.87 20.05 15.14
N LYS A 149 -5.94 20.49 15.79
CA LYS A 149 -5.89 21.58 16.75
C LYS A 149 -6.52 21.26 18.10
N ILE A 150 -5.69 21.37 19.14
CA ILE A 150 -6.21 21.28 20.52
C ILE A 150 -6.22 22.69 21.11
N ASP A 151 -7.37 23.08 21.62
CA ASP A 151 -7.67 24.39 22.17
C ASP A 151 -6.95 25.51 21.43
N GLY A 152 -6.93 25.57 20.12
CA GLY A 152 -6.36 26.67 19.38
C GLY A 152 -4.93 26.42 18.91
N SER A 153 -4.32 25.33 19.34
CA SER A 153 -2.94 25.13 18.88
C SER A 153 -2.68 23.77 18.25
N GLU A 154 -1.88 23.83 17.18
CA GLU A 154 -1.48 22.69 16.39
C GLU A 154 -0.84 21.62 17.26
N ARG A 155 -1.20 20.36 17.05
CA ARG A 155 -0.58 19.22 17.74
C ARG A 155 -0.06 18.35 16.60
N GLN A 156 1.24 18.12 16.50
CA GLN A 156 1.82 17.34 15.42
C GLN A 156 2.07 15.89 15.72
N ASN A 157 2.06 15.40 16.94
CA ASN A 157 2.37 13.99 17.15
C ASN A 157 1.15 13.26 17.68
N GLY A 158 1.19 11.96 17.47
CA GLY A 158 0.14 11.02 17.81
C GLY A 158 -0.88 10.91 16.66
N VAL A 159 -0.65 11.57 15.54
CA VAL A 159 -1.51 11.49 14.38
C VAL A 159 -1.18 10.30 13.48
N LEU A 160 -2.24 9.64 13.05
CA LEU A 160 -2.19 8.49 12.17
C LEU A 160 -3.06 8.75 10.95
N ASP A 161 -2.46 8.77 9.75
CA ASP A 161 -3.21 9.00 8.53
C ASP A 161 -3.27 7.77 7.63
N SER A 162 -4.42 7.43 7.10
CA SER A 162 -4.57 6.27 6.22
C SER A 162 -5.42 6.63 4.99
N TRP A 163 -4.95 6.25 3.81
CA TRP A 163 -5.64 6.54 2.55
C TRP A 163 -6.26 5.27 1.94
N THR A 164 -7.43 5.48 1.32
CA THR A 164 -8.02 4.36 0.55
C THR A 164 -7.41 4.47 -0.86
N GLU A 165 -7.56 3.48 -1.73
CA GLU A 165 -7.25 3.74 -3.16
C GLU A 165 -8.43 4.32 -3.93
N GLN A 166 -8.22 4.83 -5.14
CA GLN A 166 -9.34 5.33 -5.96
C GLN A 166 -10.45 4.29 -6.00
N ASP A 167 -11.67 4.73 -5.91
CA ASP A 167 -12.84 3.86 -5.84
C ASP A 167 -13.58 3.80 -7.19
N SER A 168 -13.95 2.60 -7.60
CA SER A 168 -13.97 1.73 -8.79
C SER A 168 -15.20 2.38 -9.42
N LYS A 169 -16.27 2.58 -8.66
CA LYS A 169 -17.41 3.26 -9.22
C LYS A 169 -17.26 4.78 -9.28
N ASP A 170 -17.04 5.48 -8.18
CA ASP A 170 -17.20 6.94 -8.22
C ASP A 170 -15.90 7.68 -8.06
N SER A 171 -14.80 7.00 -7.81
CA SER A 171 -13.50 7.63 -8.62
C SER A 171 -12.93 8.60 -7.58
N THR A 172 -13.57 8.66 -6.42
CA THR A 172 -13.09 9.56 -5.36
C THR A 172 -12.09 8.81 -4.48
N TYR A 173 -11.39 9.55 -3.62
CA TYR A 173 -10.56 8.91 -2.59
C TYR A 173 -11.16 9.24 -1.22
N SER A 174 -10.60 8.62 -0.19
CA SER A 174 -10.92 8.77 1.20
C SER A 174 -9.73 8.59 2.15
N MET A 175 -9.81 9.31 3.29
CA MET A 175 -8.76 9.20 4.29
C MET A 175 -9.29 9.26 5.71
N SER A 176 -8.65 8.53 6.60
CA SER A 176 -8.88 8.48 8.01
C SER A 176 -7.77 9.19 8.79
N SER A 177 -8.09 10.04 9.77
CA SER A 177 -7.08 10.73 10.60
C SER A 177 -7.30 10.51 12.10
N THR A 178 -6.45 9.79 12.79
CA THR A 178 -6.57 9.52 14.22
C THR A 178 -5.50 10.17 15.09
N LEU A 179 -5.98 10.98 16.04
CA LEU A 179 -5.13 11.70 16.99
C LEU A 179 -5.15 10.96 18.33
N THR A 180 -4.10 10.32 18.78
CA THR A 180 -4.14 9.60 20.04
C THR A 180 -3.40 10.27 21.19
N LEU A 181 -4.11 10.46 22.30
CA LEU A 181 -3.55 11.02 23.51
C LEU A 181 -3.96 10.12 24.67
N THR A 182 -3.48 10.44 25.86
CA THR A 182 -3.92 9.71 27.07
C THR A 182 -5.23 10.30 27.58
N LYS A 183 -5.94 9.57 28.44
CA LYS A 183 -7.15 10.12 29.04
C LYS A 183 -6.86 11.50 29.66
N ASP A 184 -5.85 11.53 30.54
CA ASP A 184 -5.44 12.72 31.22
C ASP A 184 -5.19 13.92 30.32
N GLU A 185 -4.41 13.79 29.25
CA GLU A 185 -4.27 15.01 28.43
C GLU A 185 -5.58 15.32 27.71
N TYR A 186 -6.37 14.28 27.39
CA TYR A 186 -7.64 14.52 26.72
C TYR A 186 -8.58 15.29 27.64
N GLU A 187 -8.57 14.84 28.90
CA GLU A 187 -9.38 15.46 29.95
C GLU A 187 -8.85 16.80 30.39
N ARG A 188 -7.67 17.21 30.01
CA ARG A 188 -7.13 18.50 30.32
C ARG A 188 -7.53 19.54 29.30
N HIS A 189 -8.19 19.21 28.18
CA HIS A 189 -8.45 20.26 27.17
C HIS A 189 -9.91 20.27 26.74
N ASN A 190 -10.36 21.32 26.04
CA ASN A 190 -11.79 21.28 25.71
C ASN A 190 -12.10 21.18 24.22
N SER A 191 -11.52 22.03 23.38
CA SER A 191 -12.00 22.08 22.01
C SER A 191 -11.10 21.43 20.97
N TYR A 192 -11.55 20.26 20.45
CA TYR A 192 -10.79 19.53 19.43
C TYR A 192 -11.25 19.87 18.01
N THR A 193 -10.29 20.20 17.15
CA THR A 193 -10.57 20.65 15.81
C THR A 193 -9.73 20.04 14.68
N CYS A 194 -10.48 19.55 13.70
CA CYS A 194 -10.05 18.92 12.47
C CYS A 194 -10.01 19.91 11.31
N GLU A 195 -8.88 20.17 10.71
CA GLU A 195 -8.83 21.19 9.67
C GLU A 195 -8.37 20.54 8.36
N ALA A 196 -9.18 20.65 7.30
CA ALA A 196 -8.83 20.01 6.04
C ALA A 196 -8.67 20.98 4.87
N THR A 197 -7.54 20.89 4.19
CA THR A 197 -7.32 21.77 3.04
C THR A 197 -7.32 20.92 1.76
N HIS A 198 -8.05 21.47 0.79
CA HIS A 198 -8.20 20.77 -0.48
C HIS A 198 -8.52 21.76 -1.59
N LYS A 199 -8.08 21.51 -2.81
CA LYS A 199 -8.35 22.34 -3.97
C LYS A 199 -9.73 22.93 -4.06
N THR A 200 -10.81 22.25 -3.73
CA THR A 200 -12.17 22.73 -3.78
C THR A 200 -12.51 23.91 -2.91
N SER A 201 -11.58 24.49 -2.14
CA SER A 201 -11.83 25.59 -1.25
C SER A 201 -10.66 26.56 -1.02
N THR A 202 -11.04 27.71 -0.48
CA THR A 202 -10.09 28.77 -0.11
C THR A 202 -9.84 28.60 1.40
N SER A 203 -10.91 28.85 2.15
CA SER A 203 -10.86 28.69 3.60
C SER A 203 -10.94 27.18 3.86
N PRO A 204 -10.09 26.66 4.72
CA PRO A 204 -10.10 25.25 5.07
C PRO A 204 -11.47 24.79 5.56
N ILE A 205 -11.65 23.48 5.51
CA ILE A 205 -12.90 22.84 5.95
C ILE A 205 -12.59 22.35 7.36
N VAL A 206 -13.35 22.92 8.30
CA VAL A 206 -13.17 22.75 9.71
C VAL A 206 -14.25 21.99 10.44
N LYS A 207 -13.88 21.04 11.28
CA LYS A 207 -14.81 20.30 12.12
C LYS A 207 -14.27 20.28 13.55
N SER A 208 -15.19 20.52 14.49
CA SER A 208 -14.83 20.53 15.89
C SER A 208 -15.90 20.05 16.85
N PHE A 209 -15.43 19.85 18.07
CA PHE A 209 -16.31 19.62 19.21
C PHE A 209 -15.60 20.09 20.49
N ASN A 210 -16.41 20.26 21.53
CA ASN A 210 -15.97 20.69 22.85
C ASN A 210 -16.22 19.58 23.85
N ARG A 211 -15.28 19.15 24.69
CA ARG A 211 -15.64 18.08 25.61
C ARG A 211 -16.70 18.47 26.64
N ASN A 212 -16.87 19.74 27.03
CA ASN A 212 -17.96 20.02 27.97
C ASN A 212 -19.31 19.96 27.24
N GLU A 213 -19.20 19.47 26.01
CA GLU A 213 -20.33 19.29 25.07
C GLU A 213 -20.73 20.63 24.44
N CYS A 214 -19.89 20.92 23.47
CA CYS A 214 -19.88 22.06 22.54
C CYS A 214 -20.78 23.24 22.84
N GLN B 1 10.01 -20.19 -19.40
CA GLN B 1 8.62 -19.97 -19.84
C GLN B 1 7.60 -20.01 -18.71
N ASP B 2 7.37 -21.11 -18.01
CA ASP B 2 6.32 -21.04 -16.99
C ASP B 2 6.60 -19.98 -15.93
N GLN B 3 7.35 -20.30 -14.87
CA GLN B 3 7.36 -19.44 -13.71
C GLN B 3 8.22 -19.66 -12.47
N LEU B 4 8.07 -18.67 -11.56
CA LEU B 4 8.72 -18.59 -10.27
C LEU B 4 7.75 -18.75 -9.12
N GLN B 5 8.09 -19.56 -8.13
CA GLN B 5 7.23 -19.82 -6.99
C GLN B 5 8.01 -19.56 -5.71
N GLN B 6 7.51 -18.58 -4.95
CA GLN B 6 8.24 -18.20 -3.73
C GLN B 6 7.69 -18.83 -2.46
N SER B 7 8.60 -19.01 -1.51
CA SER B 7 8.25 -19.44 -0.15
C SER B 7 7.30 -18.49 0.56
N GLY B 8 6.66 -18.98 1.61
CA GLY B 8 5.64 -18.26 2.35
C GLY B 8 6.06 -17.07 3.21
N ALA B 9 5.10 -16.26 3.65
CA ALA B 9 5.26 -15.08 4.48
C ALA B 9 6.05 -15.39 5.75
N GLU B 10 7.09 -14.63 6.00
CA GLU B 10 7.90 -14.91 7.19
C GLU B 10 7.87 -13.83 8.27
N LEU B 11 7.72 -14.27 9.53
CA LEU B 11 7.62 -13.45 10.72
C LEU B 11 8.78 -13.68 11.68
N VAL B 12 9.83 -12.88 11.60
CA VAL B 12 11.01 -13.08 12.46
C VAL B 12 11.29 -11.94 13.43
N ARG B 13 12.03 -12.31 14.47
CA ARG B 13 12.58 -11.46 15.50
C ARG B 13 13.86 -10.73 15.12
N PRO B 14 14.07 -9.54 15.66
CA PRO B 14 15.27 -8.78 15.40
C PRO B 14 16.52 -9.59 15.71
N GLY B 15 17.54 -9.41 14.87
CA GLY B 15 18.79 -10.11 15.03
C GLY B 15 18.80 -11.53 14.54
N ALA B 16 17.71 -12.07 13.97
CA ALA B 16 17.75 -13.43 13.44
C ALA B 16 18.07 -13.42 11.94
N SER B 17 17.95 -14.62 11.36
CA SER B 17 18.15 -14.90 9.95
C SER B 17 16.95 -15.50 9.24
N VAL B 18 16.78 -15.24 7.98
CA VAL B 18 15.79 -15.93 7.11
C VAL B 18 16.53 -16.32 5.83
N LYS B 19 16.03 -17.48 5.41
CA LYS B 19 16.37 -18.08 4.11
C LYS B 19 15.16 -18.11 3.18
N LEU B 20 15.06 -17.28 2.17
CA LEU B 20 13.89 -17.35 1.27
C LEU B 20 14.16 -18.24 0.05
N SER B 21 13.12 -18.96 -0.40
CA SER B 21 13.29 -19.83 -1.58
C SER B 21 12.51 -19.45 -2.83
N CYS B 22 13.10 -19.74 -3.99
CA CYS B 22 12.46 -19.44 -5.28
C CYS B 22 12.67 -20.53 -6.36
N LYS B 23 11.63 -21.33 -6.50
CA LYS B 23 11.50 -22.50 -7.38
C LYS B 23 11.25 -22.17 -8.83
N ALA B 24 12.18 -22.52 -9.74
CA ALA B 24 11.94 -22.26 -11.17
C ALA B 24 11.29 -23.48 -11.85
N LEU B 25 10.24 -23.22 -12.62
CA LEU B 25 9.39 -24.18 -13.30
C LEU B 25 9.15 -23.78 -14.77
N GLY B 26 9.09 -24.84 -15.58
CA GLY B 26 8.75 -24.65 -16.99
C GLY B 26 9.84 -24.04 -17.83
N TYR B 27 11.13 -24.17 -17.52
CA TYR B 27 12.12 -23.57 -18.41
C TYR B 27 13.48 -24.15 -18.00
N ILE B 28 14.51 -23.98 -18.81
CA ILE B 28 15.81 -24.55 -18.47
C ILE B 28 16.45 -23.68 -17.39
N PHE B 29 16.43 -24.14 -16.16
CA PHE B 29 16.90 -23.44 -14.99
C PHE B 29 18.34 -22.95 -15.07
N THR B 30 19.18 -23.70 -15.75
CA THR B 30 20.59 -23.34 -15.86
C THR B 30 20.92 -22.40 -16.99
N ASP B 31 19.96 -21.85 -17.75
CA ASP B 31 20.38 -20.87 -18.74
C ASP B 31 20.09 -19.42 -18.40
N TYR B 32 19.38 -19.17 -17.31
CA TYR B 32 18.97 -17.84 -16.91
C TYR B 32 19.38 -17.46 -15.47
N GLU B 33 19.82 -16.23 -15.31
CA GLU B 33 20.04 -15.59 -14.03
C GLU B 33 18.74 -15.40 -13.26
N ILE B 34 18.85 -15.58 -11.96
CA ILE B 34 17.70 -15.30 -11.06
C ILE B 34 18.07 -14.08 -10.20
N HIS B 35 17.33 -13.00 -10.21
CA HIS B 35 17.63 -11.82 -9.39
C HIS B 35 16.63 -11.59 -8.26
N TRP B 36 17.18 -11.06 -7.15
CA TRP B 36 16.37 -10.79 -5.95
C TRP B 36 16.14 -9.30 -5.82
N VAL B 37 14.93 -8.84 -5.58
CA VAL B 37 14.59 -7.44 -5.50
C VAL B 37 13.75 -7.21 -4.25
N LYS B 38 13.96 -6.00 -3.67
CA LYS B 38 13.28 -5.65 -2.41
C LYS B 38 12.37 -4.46 -2.65
N GLN B 39 11.19 -4.51 -2.05
CA GLN B 39 10.25 -3.40 -2.22
C GLN B 39 9.72 -2.95 -0.85
N THR B 40 9.80 -1.65 -0.61
CA THR B 40 9.25 -1.06 0.64
C THR B 40 8.60 0.25 0.22
N PRO B 41 7.56 0.67 0.88
CA PRO B 41 6.94 1.98 0.65
C PRO B 41 7.94 3.11 0.74
N VAL B 42 8.81 3.10 1.75
CA VAL B 42 9.86 4.11 1.84
C VAL B 42 10.74 4.14 0.59
N HIS B 43 11.64 3.18 0.41
CA HIS B 43 12.61 3.21 -0.66
C HIS B 43 12.20 2.84 -2.07
N GLY B 44 11.01 2.27 -2.27
CA GLY B 44 10.66 1.78 -3.60
C GLY B 44 11.29 0.41 -3.88
N LEU B 45 11.68 0.21 -5.13
CA LEU B 45 12.15 -1.09 -5.61
C LEU B 45 13.67 -1.09 -5.66
N GLU B 46 14.34 -2.03 -5.03
CA GLU B 46 15.78 -2.06 -5.09
C GLU B 46 16.28 -3.49 -5.35
N TRP B 47 17.29 -3.57 -6.18
CA TRP B 47 17.97 -4.78 -6.51
C TRP B 47 18.92 -5.22 -5.40
N ILE B 48 18.89 -6.49 -5.02
CA ILE B 48 19.83 -6.99 -4.02
C ILE B 48 21.04 -7.60 -4.69
N GLY B 49 20.77 -8.52 -5.59
CA GLY B 49 21.79 -9.21 -6.36
C GLY B 49 21.17 -10.29 -7.24
N GLY B 50 22.01 -11.13 -7.85
CA GLY B 50 21.57 -12.22 -8.68
C GLY B 50 22.54 -13.37 -8.83
N ILE B 51 21.98 -14.56 -9.09
CA ILE B 51 22.87 -15.69 -9.39
C ILE B 51 22.61 -16.28 -10.78
N HIS B 52 23.64 -16.89 -11.36
CA HIS B 52 23.56 -17.59 -12.65
C HIS B 52 23.71 -19.06 -12.25
N PRO B 53 22.66 -19.84 -12.18
CA PRO B 53 22.73 -21.21 -11.74
C PRO B 53 23.56 -22.13 -12.61
N GLY B 54 23.82 -21.77 -13.86
CA GLY B 54 24.70 -22.51 -14.72
C GLY B 54 26.11 -22.41 -14.12
N SER B 55 26.76 -21.30 -14.42
CA SER B 55 28.08 -21.01 -13.93
C SER B 55 28.25 -20.75 -12.45
N SER B 56 27.22 -20.48 -11.66
CA SER B 56 27.37 -20.20 -10.24
C SER B 56 27.79 -18.75 -9.98
N GLY B 57 28.01 -17.96 -11.01
CA GLY B 57 28.45 -16.59 -10.89
C GLY B 57 27.34 -15.78 -10.24
N THR B 58 27.77 -14.89 -9.37
CA THR B 58 26.84 -14.05 -8.62
C THR B 58 27.25 -12.59 -8.74
N ALA B 59 26.37 -11.69 -8.45
CA ALA B 59 26.64 -10.25 -8.43
C ALA B 59 25.74 -9.65 -7.33
N TYR B 60 26.22 -8.63 -6.60
CA TYR B 60 25.46 -8.07 -5.48
C TYR B 60 25.44 -6.57 -5.54
N ASN B 61 24.41 -5.96 -5.05
CA ASN B 61 24.40 -4.51 -4.84
C ASN B 61 25.34 -4.23 -3.66
N GLN B 62 26.19 -3.21 -3.72
CA GLN B 62 27.14 -2.94 -2.61
C GLN B 62 26.44 -2.78 -1.28
N LYS B 63 25.23 -2.24 -1.27
CA LYS B 63 24.43 -2.13 -0.07
C LYS B 63 23.99 -3.46 0.52
N PHE B 64 24.02 -4.60 -0.17
CA PHE B 64 23.53 -5.82 0.48
C PHE B 64 24.70 -6.76 0.64
N LYS B 65 25.82 -6.40 0.01
CA LYS B 65 27.01 -7.23 0.20
C LYS B 65 27.43 -7.24 1.70
N GLY B 66 27.32 -8.41 2.29
CA GLY B 66 27.73 -8.71 3.62
C GLY B 66 26.48 -9.15 4.39
N LYS B 67 25.33 -8.76 3.87
CA LYS B 67 24.08 -9.08 4.52
C LYS B 67 23.34 -10.22 3.83
N ALA B 68 23.36 -10.21 2.49
CA ALA B 68 22.57 -11.13 1.68
C ALA B 68 23.45 -12.21 1.04
N THR B 69 23.03 -13.47 1.15
CA THR B 69 23.82 -14.54 0.53
C THR B 69 22.95 -15.28 -0.50
N LEU B 70 23.46 -15.34 -1.74
CA LEU B 70 22.69 -15.98 -2.81
C LEU B 70 23.21 -17.35 -3.21
N THR B 71 22.35 -18.35 -3.22
CA THR B 71 22.76 -19.70 -3.61
C THR B 71 21.71 -20.34 -4.53
N ALA B 72 22.12 -21.35 -5.29
CA ALA B 72 21.24 -22.07 -6.21
C ALA B 72 21.44 -23.57 -6.11
N ASP B 73 20.37 -24.35 -6.18
CA ASP B 73 20.46 -25.81 -6.15
C ASP B 73 19.93 -26.40 -7.46
N LYS B 74 20.79 -26.87 -8.34
CA LYS B 74 20.42 -27.45 -9.63
C LYS B 74 19.47 -28.64 -9.58
N SER B 75 19.62 -29.54 -8.62
CA SER B 75 18.75 -30.70 -8.53
C SER B 75 17.32 -30.31 -8.25
N SER B 76 17.11 -29.24 -7.48
CA SER B 76 15.72 -28.88 -7.18
C SER B 76 15.33 -27.64 -7.95
N THR B 77 16.18 -27.11 -8.80
CA THR B 77 15.84 -25.93 -9.58
C THR B 77 15.24 -24.81 -8.70
N THR B 78 15.90 -24.55 -7.57
CA THR B 78 15.55 -23.59 -6.56
C THR B 78 16.69 -22.64 -6.24
N ALA B 79 16.36 -21.35 -6.31
CA ALA B 79 17.37 -20.34 -5.95
C ALA B 79 17.06 -19.90 -4.52
N PHE B 80 18.09 -19.65 -3.70
CA PHE B 80 17.86 -19.18 -2.34
C PHE B 80 18.51 -17.83 -2.00
N MET B 81 17.82 -17.13 -1.10
CA MET B 81 18.41 -15.88 -0.64
C MET B 81 18.44 -15.87 0.90
N GLU B 82 19.66 -15.79 1.45
CA GLU B 82 19.79 -15.71 2.91
C GLU B 82 20.05 -14.26 3.36
N LEU B 83 19.36 -13.82 4.40
CA LEU B 83 19.44 -12.50 5.03
C LEU B 83 19.82 -12.63 6.51
N SER B 84 20.96 -12.07 6.94
CA SER B 84 21.33 -12.17 8.36
C SER B 84 21.25 -10.86 9.12
N SER B 85 21.15 -10.96 10.43
CA SER B 85 21.07 -9.88 11.40
C SER B 85 19.90 -8.96 11.09
N LEU B 86 18.68 -9.43 11.20
CA LEU B 86 17.59 -8.59 10.72
C LEU B 86 17.16 -7.51 11.69
N THR B 87 16.80 -6.37 11.12
CA THR B 87 16.18 -5.31 11.88
C THR B 87 14.88 -4.92 11.20
N SER B 88 14.12 -3.97 11.74
CA SER B 88 12.88 -3.53 11.16
C SER B 88 12.99 -2.90 9.79
N GLU B 89 14.18 -2.50 9.37
CA GLU B 89 14.42 -1.88 8.10
C GLU B 89 14.40 -2.95 7.01
N ASP B 90 14.64 -4.20 7.32
CA ASP B 90 14.55 -5.32 6.42
C ASP B 90 13.09 -5.81 6.22
N SER B 91 12.10 -5.20 6.82
CA SER B 91 10.73 -5.56 6.70
C SER B 91 10.28 -5.13 5.30
N ALA B 92 9.88 -6.10 4.47
CA ALA B 92 9.54 -5.76 3.09
C ALA B 92 8.89 -6.93 2.33
N VAL B 93 8.65 -6.62 1.05
CA VAL B 93 8.26 -7.73 0.19
C VAL B 93 9.51 -8.15 -0.56
N TYR B 94 9.85 -9.43 -0.55
CA TYR B 94 11.00 -9.85 -1.40
C TYR B 94 10.51 -10.65 -2.62
N TYR B 95 11.01 -10.30 -3.80
CA TYR B 95 10.75 -10.89 -5.08
C TYR B 95 11.94 -11.52 -5.81
N CYS B 96 11.69 -12.69 -6.45
CA CYS B 96 12.78 -13.24 -7.31
C CYS B 96 12.28 -12.92 -8.71
N THR B 97 13.16 -12.62 -9.66
CA THR B 97 12.70 -12.27 -10.98
C THR B 97 13.67 -12.85 -11.99
N ARG B 98 13.12 -13.09 -13.22
CA ARG B 98 14.03 -13.60 -14.25
C ARG B 98 14.32 -12.42 -15.16
N LYS B 99 13.74 -11.28 -14.77
CA LYS B 99 13.79 -10.00 -15.43
C LYS B 99 12.50 -9.82 -16.25
N ASP B 100 12.03 -10.92 -16.83
CA ASP B 100 10.79 -10.91 -17.59
C ASP B 100 9.75 -11.55 -16.70
N TYR B 101 10.00 -12.70 -16.10
CA TYR B 101 9.06 -13.28 -15.14
C TYR B 101 9.34 -12.82 -13.71
N TRP B 102 8.30 -12.66 -12.90
CA TRP B 102 8.42 -12.30 -11.50
C TRP B 102 7.81 -13.38 -10.64
N GLY B 103 8.38 -13.83 -9.52
CA GLY B 103 7.68 -14.63 -8.52
C GLY B 103 6.64 -13.74 -7.87
N GLN B 104 5.83 -14.33 -7.01
CA GLN B 104 4.73 -13.58 -6.38
C GLN B 104 5.19 -12.77 -5.17
N GLY B 105 6.42 -13.01 -4.66
CA GLY B 105 6.85 -12.22 -3.52
C GLY B 105 6.58 -12.88 -2.18
N THR B 106 7.55 -12.74 -1.28
CA THR B 106 7.43 -13.09 0.12
C THR B 106 7.55 -11.86 1.03
N LEU B 107 6.58 -11.68 1.90
CA LEU B 107 6.48 -10.72 2.97
C LEU B 107 7.34 -11.23 4.15
N VAL B 108 8.35 -10.43 4.47
CA VAL B 108 9.09 -10.62 5.72
C VAL B 108 8.84 -9.42 6.67
N THR B 109 8.28 -9.72 7.81
CA THR B 109 7.97 -8.80 8.87
C THR B 109 8.95 -8.98 10.02
N VAL B 110 9.80 -8.00 10.26
CA VAL B 110 10.66 -8.17 11.46
C VAL B 110 10.06 -7.50 12.68
N SER B 111 9.72 -8.24 13.72
CA SER B 111 9.13 -7.63 14.92
C SER B 111 9.34 -8.43 16.18
N ALA B 112 9.18 -7.76 17.32
CA ALA B 112 9.28 -8.43 18.61
C ALA B 112 7.84 -8.62 19.11
N ALA B 113 6.90 -7.90 18.52
CA ALA B 113 5.52 -8.07 18.92
C ALA B 113 5.11 -9.51 19.19
N LYS B 114 4.28 -9.63 20.21
CA LYS B 114 3.66 -10.88 20.62
C LYS B 114 2.25 -10.81 20.07
N THR B 115 1.64 -11.92 19.73
CA THR B 115 0.24 -11.93 19.26
C THR B 115 -0.61 -11.22 20.31
N THR B 116 -1.43 -10.26 19.89
CA THR B 116 -2.26 -9.55 20.85
C THR B 116 -3.62 -9.22 20.24
N ALA B 117 -4.68 -9.57 20.96
CA ALA B 117 -6.03 -9.33 20.51
C ALA B 117 -6.28 -7.84 20.37
N PRO B 118 -7.06 -7.41 19.38
CA PRO B 118 -7.38 -6.02 19.16
C PRO B 118 -8.31 -5.40 20.18
N SER B 119 -8.39 -4.10 20.35
CA SER B 119 -9.46 -3.52 21.15
C SER B 119 -10.37 -2.88 20.10
N VAL B 120 -11.68 -3.03 20.24
CA VAL B 120 -12.60 -2.46 19.27
C VAL B 120 -13.42 -1.34 19.86
N TYR B 121 -13.46 -0.15 19.28
CA TYR B 121 -14.26 0.97 19.78
C TYR B 121 -15.31 1.43 18.75
N PRO B 122 -16.55 1.55 19.21
CA PRO B 122 -17.65 2.02 18.41
C PRO B 122 -17.57 3.52 18.30
N LEU B 123 -17.56 4.10 17.12
CA LEU B 123 -17.54 5.54 16.96
C LEU B 123 -18.91 6.07 16.59
N VAL B 124 -19.57 6.67 17.57
CA VAL B 124 -20.87 7.25 17.47
C VAL B 124 -20.90 8.66 16.95
N PRO B 125 -21.93 9.20 16.32
CA PRO B 125 -21.86 10.58 15.88
C PRO B 125 -21.58 11.46 17.06
N VAL B 126 -21.10 12.73 16.87
CA VAL B 126 -20.90 13.71 17.93
C VAL B 126 -22.27 14.18 18.44
N CYS B 127 -22.36 14.47 19.73
CA CYS B 127 -23.61 14.97 20.29
C CYS B 127 -24.07 16.16 19.44
N GLY B 128 -25.37 16.37 19.47
CA GLY B 128 -26.00 17.38 18.59
C GLY B 128 -26.91 16.54 17.69
N GLY B 129 -26.31 15.53 17.05
CA GLY B 129 -27.08 14.65 16.18
C GLY B 129 -27.59 15.43 14.97
N THR B 130 -26.64 15.72 14.09
CA THR B 130 -26.86 16.47 12.87
C THR B 130 -28.20 16.24 12.18
N THR B 131 -28.66 17.29 11.51
CA THR B 131 -29.89 17.23 10.71
C THR B 131 -29.51 17.21 9.22
N GLY B 132 -28.70 16.22 8.86
CA GLY B 132 -28.33 16.05 7.45
C GLY B 132 -29.17 14.93 6.84
N SER B 133 -28.95 14.62 5.57
CA SER B 133 -29.69 13.55 4.91
C SER B 133 -29.13 12.21 5.42
N SER B 134 -27.80 12.20 5.55
CA SER B 134 -27.16 11.00 6.04
C SER B 134 -26.38 11.21 7.32
N VAL B 135 -26.00 10.09 7.91
CA VAL B 135 -25.17 9.97 9.08
C VAL B 135 -23.98 9.01 8.85
N THR B 136 -22.79 9.40 9.28
CA THR B 136 -21.61 8.56 9.22
C THR B 136 -21.22 7.99 10.57
N LEU B 137 -21.28 6.69 10.74
CA LEU B 137 -20.87 5.95 11.90
C LEU B 137 -19.42 5.50 11.69
N GLY B 138 -18.75 4.87 12.64
CA GLY B 138 -17.37 4.51 12.48
C GLY B 138 -17.01 3.42 13.47
N CYS B 139 -15.86 2.80 13.22
CA CYS B 139 -15.48 1.71 14.12
C CYS B 139 -13.96 1.69 14.11
N LEU B 140 -13.32 1.74 15.27
CA LEU B 140 -11.86 1.82 15.36
C LEU B 140 -11.30 0.58 16.00
N VAL B 141 -10.32 -0.08 15.39
CA VAL B 141 -9.83 -1.36 15.91
C VAL B 141 -8.38 -1.11 16.29
N LYS B 142 -8.00 -1.16 17.56
CA LYS B 142 -6.68 -0.68 17.97
C LYS B 142 -5.83 -1.71 18.67
N GLY B 143 -4.56 -1.66 18.35
CA GLY B 143 -3.50 -2.51 18.80
C GLY B 143 -3.61 -3.98 18.60
N TYR B 144 -3.50 -4.50 17.37
CA TYR B 144 -3.43 -5.96 17.21
C TYR B 144 -2.12 -6.38 16.55
N PHE B 145 -1.89 -7.68 16.51
CA PHE B 145 -0.72 -8.27 15.91
C PHE B 145 -0.86 -9.79 15.91
N PRO B 146 -0.66 -10.39 14.75
CA PRO B 146 -0.35 -9.67 13.53
C PRO B 146 -1.56 -9.31 12.70
N GLU B 147 -1.32 -8.56 11.64
CA GLU B 147 -2.25 -8.33 10.53
C GLU B 147 -2.38 -9.78 10.10
N PRO B 148 -3.52 -10.26 9.68
CA PRO B 148 -4.70 -9.51 9.36
C PRO B 148 -5.85 -9.35 10.33
N VAL B 149 -6.89 -8.65 9.94
CA VAL B 149 -8.13 -8.45 10.69
C VAL B 149 -9.24 -8.33 9.64
N THR B 150 -10.41 -8.92 9.83
CA THR B 150 -11.49 -8.65 8.88
C THR B 150 -12.58 -7.90 9.63
N LEU B 151 -13.12 -6.88 9.01
CA LEU B 151 -14.13 -6.05 9.66
C LEU B 151 -15.36 -5.98 8.78
N THR B 152 -16.55 -6.18 9.31
CA THR B 152 -17.76 -5.99 8.52
C THR B 152 -18.80 -5.18 9.29
N TRP B 153 -19.79 -4.69 8.57
CA TRP B 153 -20.90 -3.95 9.10
C TRP B 153 -22.22 -4.71 8.95
N ASN B 154 -22.85 -5.04 10.07
CA ASN B 154 -24.15 -5.72 10.06
C ASN B 154 -23.90 -7.09 9.45
N SER B 155 -22.83 -7.75 9.88
CA SER B 155 -22.41 -9.04 9.40
C SER B 155 -22.14 -9.17 7.91
N GLY B 156 -21.96 -8.11 7.16
CA GLY B 156 -21.73 -8.17 5.72
C GLY B 156 -22.93 -7.62 4.96
N SER B 157 -24.07 -7.50 5.63
CA SER B 157 -25.29 -7.00 5.02
C SER B 157 -25.16 -5.56 4.56
N LEU B 158 -24.42 -4.78 5.33
CA LEU B 158 -24.17 -3.38 5.00
C LEU B 158 -22.87 -3.42 4.21
N SER B 159 -22.89 -2.97 2.96
CA SER B 159 -21.74 -2.95 2.08
C SER B 159 -21.68 -1.61 1.35
N SER B 160 -22.83 -0.96 1.21
CA SER B 160 -22.83 0.33 0.53
C SER B 160 -22.35 1.43 1.47
N GLY B 161 -21.61 2.39 0.94
CA GLY B 161 -21.08 3.50 1.70
C GLY B 161 -20.07 3.13 2.78
N VAL B 162 -19.33 2.05 2.65
CA VAL B 162 -18.34 1.64 3.63
C VAL B 162 -16.93 1.91 3.13
N HIS B 163 -16.03 2.26 4.02
CA HIS B 163 -14.62 2.54 3.76
C HIS B 163 -13.81 1.83 4.86
N THR B 164 -12.84 1.03 4.53
CA THR B 164 -12.06 0.30 5.55
C THR B 164 -10.62 0.67 5.25
N PHE B 165 -9.98 1.41 6.17
CA PHE B 165 -8.72 2.05 5.75
C PHE B 165 -7.62 1.09 6.07
N PRO B 166 -6.63 1.02 5.20
CA PRO B 166 -5.56 0.06 5.41
C PRO B 166 -5.02 0.26 6.84
N ALA B 167 -4.71 -0.79 7.55
CA ALA B 167 -4.03 -0.80 8.83
C ALA B 167 -2.67 -0.12 8.81
N LEU B 168 -2.24 0.47 9.91
CA LEU B 168 -0.93 1.11 10.04
C LEU B 168 -0.28 0.77 11.38
N LEU B 169 1.03 0.89 11.49
CA LEU B 169 1.75 0.59 12.72
C LEU B 169 1.81 1.79 13.68
N GLN B 170 1.54 1.48 14.93
CA GLN B 170 1.61 2.47 16.00
C GLN B 170 2.20 1.81 17.24
N SER B 171 3.43 2.22 17.53
CA SER B 171 4.16 1.65 18.67
C SER B 171 4.09 0.13 18.57
N GLY B 172 4.60 -0.46 17.49
CA GLY B 172 4.68 -1.89 17.32
C GLY B 172 3.44 -2.70 17.11
N LEU B 173 2.23 -2.13 17.08
CA LEU B 173 1.01 -2.91 16.90
C LEU B 173 0.18 -2.29 15.78
N TYR B 174 -0.81 -3.00 15.24
CA TYR B 174 -1.54 -2.44 14.11
C TYR B 174 -2.79 -1.67 14.52
N THR B 175 -3.13 -0.66 13.74
CA THR B 175 -4.35 0.09 13.93
C THR B 175 -5.04 0.25 12.57
N LEU B 176 -6.32 -0.06 12.59
CA LEU B 176 -7.23 -0.01 11.48
C LEU B 176 -8.50 0.79 11.81
N SER B 177 -9.16 1.31 10.77
CA SER B 177 -10.41 1.99 11.05
C SER B 177 -11.39 1.91 9.88
N SER B 178 -12.69 2.11 10.14
CA SER B 178 -13.64 2.03 9.06
C SER B 178 -14.86 2.89 9.27
N SER B 179 -15.47 3.42 8.22
CA SER B 179 -16.69 4.20 8.33
C SER B 179 -17.79 3.74 7.35
N VAL B 180 -19.05 3.98 7.64
CA VAL B 180 -20.24 3.68 6.87
C VAL B 180 -21.09 4.96 7.01
N THR B 181 -21.72 5.22 5.86
CA THR B 181 -22.69 6.30 5.80
C THR B 181 -24.02 5.63 5.51
N VAL B 182 -25.06 6.03 6.21
CA VAL B 182 -26.39 5.49 6.07
C VAL B 182 -27.33 6.71 6.09
N THR B 183 -28.54 6.66 5.58
CA THR B 183 -29.37 7.86 5.59
C THR B 183 -29.99 8.10 6.95
N SER B 184 -30.44 9.32 7.19
CA SER B 184 -30.94 9.76 8.48
C SER B 184 -31.98 8.88 9.14
N ASN B 185 -33.04 8.48 8.44
CA ASN B 185 -34.05 7.61 9.04
C ASN B 185 -33.40 6.39 9.71
N THR B 186 -32.77 5.58 8.87
CA THR B 186 -32.06 4.38 9.23
C THR B 186 -31.51 4.33 10.68
N TRP B 187 -30.50 5.11 10.95
CA TRP B 187 -29.91 5.13 12.30
C TRP B 187 -30.41 6.36 13.05
N PRO B 188 -30.77 6.19 14.32
CA PRO B 188 -30.54 4.99 15.07
C PRO B 188 -31.67 3.99 15.21
N SER B 189 -32.86 4.21 14.69
CA SER B 189 -33.94 3.22 14.81
C SER B 189 -33.50 1.83 14.40
N GLN B 190 -32.88 1.62 13.25
CA GLN B 190 -32.30 0.31 12.93
C GLN B 190 -30.94 0.19 13.64
N THR B 191 -30.53 -1.01 14.03
CA THR B 191 -29.26 -1.14 14.71
C THR B 191 -28.10 -1.42 13.76
N ILE B 192 -27.00 -0.70 13.94
CA ILE B 192 -25.80 -0.92 13.11
C ILE B 192 -24.65 -1.46 13.94
N THR B 193 -24.19 -2.67 13.62
CA THR B 193 -23.13 -3.36 14.30
C THR B 193 -21.88 -3.61 13.49
N CYS B 194 -20.75 -3.36 14.12
CA CYS B 194 -19.42 -3.50 13.57
C CYS B 194 -18.84 -4.84 13.98
N ASN B 195 -18.42 -5.66 13.03
CA ASN B 195 -17.98 -7.02 13.37
C ASN B 195 -16.51 -7.11 13.05
N VAL B 196 -15.72 -7.54 14.01
CA VAL B 196 -14.27 -7.60 13.85
C VAL B 196 -13.88 -9.04 14.20
N ALA B 197 -12.93 -9.58 13.43
CA ALA B 197 -12.46 -10.93 13.78
C ALA B 197 -10.95 -10.95 13.56
N HIS B 198 -10.21 -11.59 14.43
CA HIS B 198 -8.76 -11.66 14.26
C HIS B 198 -8.32 -13.10 14.45
N PRO B 199 -8.25 -13.85 13.35
CA PRO B 199 -7.90 -15.26 13.31
C PRO B 199 -6.70 -15.63 14.17
N ALA B 200 -5.66 -14.81 14.12
CA ALA B 200 -4.46 -15.02 14.89
C ALA B 200 -4.71 -15.21 16.37
N SER B 201 -5.56 -14.43 17.01
CA SER B 201 -5.71 -14.60 18.47
C SER B 201 -7.04 -15.23 18.86
N SER B 202 -7.77 -15.75 17.88
CA SER B 202 -9.04 -16.42 18.15
C SER B 202 -10.09 -15.49 18.73
N THR B 203 -10.12 -14.26 18.24
CA THR B 203 -11.05 -13.24 18.69
C THR B 203 -12.13 -12.98 17.64
N LYS B 204 -13.31 -12.64 18.13
CA LYS B 204 -14.44 -12.30 17.26
C LYS B 204 -15.28 -11.37 18.13
N VAL B 205 -15.32 -10.10 17.74
CA VAL B 205 -15.96 -9.05 18.52
C VAL B 205 -17.06 -8.38 17.71
N ASP B 206 -18.18 -8.11 18.35
CA ASP B 206 -19.30 -7.42 17.74
C ASP B 206 -19.57 -6.16 18.56
N LYS B 207 -19.83 -5.04 17.91
CA LYS B 207 -19.98 -3.78 18.62
C LYS B 207 -21.05 -2.88 18.03
N LYS B 208 -22.14 -2.73 18.77
CA LYS B 208 -23.27 -1.91 18.36
C LYS B 208 -22.98 -0.43 18.55
N ILE B 209 -23.44 0.42 17.65
CA ILE B 209 -23.15 1.85 17.76
C ILE B 209 -24.35 2.56 18.37
N GLU B 210 -24.25 2.83 19.67
CA GLU B 210 -25.33 3.49 20.37
C GLU B 210 -25.11 5.00 20.39
N PRO B 211 -26.18 5.77 20.27
CA PRO B 211 -26.09 7.21 20.35
C PRO B 211 -25.45 7.61 21.67
N ARG B 212 -24.87 8.79 21.68
CA ARG B 212 -24.21 9.35 22.88
C ARG B 212 -25.26 10.02 23.78
N VAL B 213 -25.18 9.74 25.06
CA VAL B 213 -26.14 10.31 26.03
C VAL B 213 -26.16 11.83 25.94
N GLY C 1 10.18 -17.47 -23.42
CA GLY C 1 9.70 -16.91 -24.75
C GLY C 1 10.79 -15.95 -25.25
N ALA C 2 11.54 -15.46 -24.27
CA ALA C 2 12.71 -14.64 -24.43
C ALA C 2 13.89 -15.59 -24.18
N THR C 3 14.98 -15.30 -24.85
CA THR C 3 16.19 -16.10 -24.72
C THR C 3 17.15 -15.37 -23.80
N PRO C 4 18.19 -16.04 -23.35
CA PRO C 4 19.28 -15.38 -22.62
C PRO C 4 19.80 -14.18 -23.34
N GLN C 5 18.86 -13.41 -23.79
CA GLN C 5 19.14 -12.14 -24.40
C GLN C 5 18.45 -11.10 -23.52
N ASP C 6 18.22 -11.60 -22.31
CA ASP C 6 17.71 -10.85 -21.16
C ASP C 6 18.97 -10.28 -20.54
N LEU C 7 19.95 -10.33 -21.45
CA LEU C 7 21.34 -9.90 -21.30
C LEU C 7 22.04 -10.67 -20.19
N ASN C 8 22.28 -11.94 -20.44
CA ASN C 8 22.98 -12.79 -19.48
C ASN C 8 24.45 -12.41 -19.45
N THR C 9 24.94 -11.81 -18.37
CA THR C 9 26.38 -11.51 -18.39
C THR C 9 27.07 -12.26 -17.29
N NLE C 10 26.33 -13.02 -16.52
CA NLE C 10 26.87 -13.74 -15.37
C NLE C 10 27.30 -15.16 -15.70
O NLE C 10 27.74 -15.94 -14.82
CB NLE C 10 25.79 -13.73 -14.24
CG NLE C 10 25.94 -13.01 -12.93
CD NLE C 10 24.78 -12.02 -12.83
CE NLE C 10 24.57 -11.46 -11.44
#